data_4B5H
#
_entry.id   4B5H
#
_cell.length_a   68.907
_cell.length_b   68.907
_cell.length_c   120.968
_cell.angle_alpha   90.00
_cell.angle_beta   90.00
_cell.angle_gamma   90.00
#
_symmetry.space_group_name_H-M   'P 43 21 2'
#
loop_
_entity.id
_entity.type
_entity.pdbx_description
1 polymer 'PUTATIVE EXODEOXYRIBONUCLEASE'
2 polymer "5'-D(*GP*CP*TP*AP*CP*3DRP*CP*AP*TP*CP*GP)-3'"
3 polymer "5'-D(*CP*GP*AP*TP*GP*GP*GP*TP*AP*GP*CP)-3'"
4 non-polymer 'MANGANESE (II) ION'
#
loop_
_entity_poly.entity_id
_entity_poly.type
_entity_poly.pdbx_seq_one_letter_code
_entity_poly.pdbx_strand_id
1 'polypeptide(L)'
;MLKIISANVNGIRSAYKKGFYEYIAASGTDIVCVQELKAQEADLSADMKNPHGMHGHWHCAEKRGYSGVAVYSKRKPDNV
QIGMGIEEFDREGRFVRCDFGRLSVISLYLPSGSSAEERQQVKYRFLDAFYPMLEAMKNEGRDIVVCGNWNIAHQNIDLK
NWKGNQKNSGFLPEEREWIGKVIHKLGWTDMWRTLYPDVPGYTWWSNRGQAYAKDVGWRIDYQMVTPELAAKAVSAHVYK
DEKFSDHAPLVVEYDYAAE
;
A
2 'polydeoxyribonucleotide' (DG)(DC)(DT)(DA)(DC)(3DR)(DC)(DA)(DT)(DC)(DG) U
3 'polydeoxyribonucleotide' (DC)(DG)(DA)(DT)(DG)(DG)(DG)(DT)(DA)(DG)(DC) V
#
loop_
_chem_comp.id
_chem_comp.type
_chem_comp.name
_chem_comp.formula
3DR DNA linking 1',2'-DIDEOXYRIBOFURANOSE-5'-PHOSPHATE 'C5 H11 O6 P'
DA DNA linking 2'-DEOXYADENOSINE-5'-MONOPHOSPHATE 'C10 H14 N5 O6 P'
DC DNA linking 2'-DEOXYCYTIDINE-5'-MONOPHOSPHATE 'C9 H14 N3 O7 P'
DG DNA linking 2'-DEOXYGUANOSINE-5'-MONOPHOSPHATE 'C10 H14 N5 O7 P'
DT DNA linking THYMIDINE-5'-MONOPHOSPHATE 'C10 H15 N2 O8 P'
MN non-polymer 'MANGANESE (II) ION' 'Mn 2'
#
# COMPACT_ATOMS: atom_id res chain seq x y z
N MET A 1 13.53 6.49 15.54
CA MET A 1 12.76 5.35 15.04
C MET A 1 11.61 5.81 14.15
N LEU A 2 11.60 5.30 12.91
CA LEU A 2 10.61 5.71 11.93
C LEU A 2 9.58 4.62 11.69
N LYS A 3 8.35 4.84 12.18
CA LYS A 3 7.28 3.87 12.01
C LYS A 3 6.34 4.25 10.87
N ILE A 4 6.29 3.39 9.85
CA ILE A 4 5.45 3.62 8.68
C ILE A 4 4.31 2.61 8.58
N ILE A 5 3.10 3.10 8.33
CA ILE A 5 1.92 2.25 8.22
C ILE A 5 1.34 2.26 6.82
N SER A 6 0.97 1.08 6.32
CA SER A 6 0.24 0.97 5.07
C SER A 6 -1.11 0.31 5.34
N ALA A 7 -2.18 0.92 4.85
CA ALA A 7 -3.52 0.42 5.15
C ALA A 7 -4.55 0.77 4.08
N ASN A 8 -5.15 -0.26 3.48
CA ASN A 8 -6.25 -0.07 2.54
C ASN A 8 -7.56 0.05 3.30
N VAL A 9 -7.92 1.28 3.66
CA VAL A 9 -9.06 1.53 4.54
C VAL A 9 -10.39 1.09 3.93
N ASN A 10 -10.38 0.80 2.62
CA ASN A 10 -11.60 0.39 1.94
C ASN A 10 -12.74 1.37 2.24
N GLY A 11 -12.44 2.66 2.10
CA GLY A 11 -13.38 3.71 2.46
C GLY A 11 -13.02 4.31 3.79
N ILE A 12 -12.34 5.45 3.77
CA ILE A 12 -11.80 6.04 4.99
C ILE A 12 -12.86 6.43 6.01
N ARG A 13 -14.04 6.79 5.53
CA ARG A 13 -15.13 7.18 6.43
C ARG A 13 -15.56 6.03 7.34
N SER A 14 -15.67 4.84 6.76
CA SER A 14 -16.01 3.65 7.54
C SER A 14 -14.92 3.36 8.57
N ALA A 15 -13.67 3.56 8.18
CA ALA A 15 -12.53 3.32 9.06
C ALA A 15 -12.60 4.22 10.28
N TYR A 16 -12.85 5.49 10.06
CA TYR A 16 -12.99 6.45 11.15
C TYR A 16 -14.20 6.10 12.02
N LYS A 17 -15.20 5.48 11.41
CA LYS A 17 -16.34 4.96 12.17
C LYS A 17 -15.90 3.84 13.09
N LYS A 18 -14.99 3.01 12.60
CA LYS A 18 -14.55 1.83 13.34
C LYS A 18 -13.28 2.09 14.16
N GLY A 19 -13.02 3.36 14.44
CA GLY A 19 -11.93 3.74 15.32
C GLY A 19 -10.53 3.68 14.71
N PHE A 20 -10.45 3.91 13.40
CA PHE A 20 -9.15 3.96 12.74
C PHE A 20 -8.43 5.25 13.10
N TYR A 21 -9.19 6.33 13.20
CA TYR A 21 -8.66 7.64 13.57
C TYR A 21 -7.87 7.57 14.88
N GLU A 22 -8.52 7.07 15.92
CA GLU A 22 -7.87 6.92 17.22
C GLU A 22 -6.63 6.05 17.10
N TYR A 23 -6.74 4.96 16.35
CA TYR A 23 -5.63 4.04 16.16
C TYR A 23 -4.38 4.74 15.63
N ILE A 24 -4.56 5.66 14.69
CA ILE A 24 -3.44 6.39 14.12
C ILE A 24 -2.55 7.00 15.18
N ALA A 25 -3.17 7.62 16.19
CA ALA A 25 -2.42 8.25 17.28
C ALA A 25 -1.90 7.20 18.25
N ALA A 26 -2.73 6.20 18.54
CA ALA A 26 -2.36 5.14 19.48
C ALA A 26 -1.10 4.42 19.05
N SER A 27 -0.93 4.28 17.73
CA SER A 27 0.22 3.57 17.18
C SER A 27 1.49 4.42 17.23
N GLY A 28 1.33 5.71 17.51
CA GLY A 28 2.46 6.61 17.57
C GLY A 28 3.32 6.53 16.33
N THR A 29 2.68 6.54 15.17
CA THR A 29 3.39 6.40 13.90
C THR A 29 3.80 7.76 13.34
N ASP A 30 4.77 7.74 12.44
CA ASP A 30 5.30 8.96 11.85
C ASP A 30 4.77 9.18 10.43
N ILE A 31 4.39 8.10 9.78
CA ILE A 31 3.87 8.16 8.43
C ILE A 31 2.78 7.10 8.22
N VAL A 32 1.70 7.50 7.55
CA VAL A 32 0.59 6.57 7.29
C VAL A 32 0.14 6.63 5.83
N CYS A 33 0.25 5.50 5.14
CA CYS A 33 -0.21 5.40 3.76
C CYS A 33 -1.54 4.67 3.67
N VAL A 34 -2.57 5.39 3.25
CA VAL A 34 -3.90 4.79 3.13
C VAL A 34 -4.29 4.59 1.67
N GLN A 35 -4.93 3.46 1.39
CA GLN A 35 -5.42 3.17 0.06
C GLN A 35 -6.95 3.07 0.05
N GLU A 36 -7.54 3.47 -1.07
CA GLU A 36 -8.99 3.36 -1.26
C GLU A 36 -9.77 4.23 -0.27
N LEU A 37 -9.67 5.54 -0.43
CA LEU A 37 -10.43 6.47 0.40
C LEU A 37 -11.91 6.39 0.09
N LYS A 38 -12.23 5.97 -1.13
CA LYS A 38 -13.61 5.90 -1.57
C LYS A 38 -14.33 7.23 -1.30
N ALA A 39 -13.72 8.32 -1.74
CA ALA A 39 -14.29 9.65 -1.54
C ALA A 39 -13.49 10.70 -2.30
N GLN A 40 -13.86 11.96 -2.11
CA GLN A 40 -13.16 13.08 -2.72
C GLN A 40 -12.82 14.12 -1.66
N GLU A 41 -12.00 15.10 -2.02
CA GLU A 41 -11.60 16.13 -1.07
C GLU A 41 -12.81 16.79 -0.42
N ALA A 42 -13.80 17.13 -1.24
CA ALA A 42 -15.03 17.74 -0.74
C ALA A 42 -15.81 16.78 0.15
N ASP A 43 -15.50 15.49 0.04
CA ASP A 43 -16.21 14.46 0.80
C ASP A 43 -15.57 14.21 2.16
N LEU A 44 -14.27 14.48 2.26
CA LEU A 44 -13.53 14.20 3.49
C LEU A 44 -13.65 15.32 4.50
N SER A 45 -13.64 14.96 5.78
CA SER A 45 -13.61 15.93 6.86
C SER A 45 -12.19 16.43 7.04
N ALA A 46 -12.01 17.40 7.93
CA ALA A 46 -10.67 17.94 8.19
C ALA A 46 -9.77 16.88 8.84
N ASP A 47 -10.37 16.03 9.67
CA ASP A 47 -9.61 14.99 10.37
C ASP A 47 -9.18 13.86 9.45
N MET A 48 -9.90 13.71 8.34
CA MET A 48 -9.57 12.70 7.35
C MET A 48 -8.51 13.24 6.38
N LYS A 49 -8.12 14.47 6.61
CA LYS A 49 -7.11 15.12 5.77
C LYS A 49 -5.86 15.40 6.58
N ASN A 50 -6.05 15.78 7.85
CA ASN A 50 -4.95 16.06 8.75
C ASN A 50 -5.19 15.48 10.14
N PRO A 51 -5.18 14.14 10.25
CA PRO A 51 -5.43 13.44 11.51
C PRO A 51 -4.43 13.85 12.59
N HIS A 52 -4.93 14.30 13.73
CA HIS A 52 -4.08 14.60 14.87
C HIS A 52 -2.96 15.57 14.54
N GLY A 53 -3.31 16.64 13.82
CA GLY A 53 -2.33 17.66 13.47
C GLY A 53 -1.32 17.19 12.43
N MET A 54 -1.29 15.89 12.18
CA MET A 54 -0.41 15.34 11.17
C MET A 54 -0.74 15.95 9.82
N HIS A 55 0.29 16.42 9.12
CA HIS A 55 0.13 16.89 7.75
C HIS A 55 -0.50 15.79 6.93
N GLY A 56 -1.01 16.14 5.75
CA GLY A 56 -1.65 15.16 4.90
C GLY A 56 -1.74 15.59 3.45
N HIS A 57 -1.75 14.61 2.56
CA HIS A 57 -1.92 14.89 1.13
C HIS A 57 -2.67 13.73 0.49
N TRP A 58 -3.30 13.98 -0.65
CA TRP A 58 -4.20 12.98 -1.22
C TRP A 58 -4.38 13.12 -2.73
N HIS A 59 -4.72 12.00 -3.36
CA HIS A 59 -5.12 11.99 -4.76
C HIS A 59 -6.47 11.30 -4.85
N CYS A 60 -7.47 12.02 -5.37
CA CYS A 60 -8.82 11.48 -5.47
C CYS A 60 -9.22 11.19 -6.91
N ALA A 61 -10.22 10.33 -7.07
CA ALA A 61 -10.72 9.96 -8.40
C ALA A 61 -11.80 10.91 -8.86
N GLU A 62 -12.11 10.88 -10.16
CA GLU A 62 -13.17 11.70 -10.71
C GLU A 62 -14.53 11.15 -10.28
N LYS A 63 -14.57 9.87 -9.97
CA LYS A 63 -15.79 9.22 -9.52
C LYS A 63 -16.03 9.46 -8.04
N ARG A 64 -17.27 9.77 -7.68
CA ARG A 64 -17.62 10.01 -6.28
C ARG A 64 -17.61 8.69 -5.50
N GLY A 65 -17.01 8.73 -4.31
CA GLY A 65 -16.93 7.56 -3.46
C GLY A 65 -16.18 6.41 -4.13
N TYR A 66 -15.08 6.74 -4.80
CA TYR A 66 -14.30 5.73 -5.51
C TYR A 66 -12.80 5.97 -5.41
N SER A 67 -12.07 4.91 -5.07
CA SER A 67 -10.61 4.93 -5.05
C SER A 67 -10.05 6.10 -4.23
N GLY A 68 -8.81 6.47 -4.52
CA GLY A 68 -8.16 7.56 -3.82
C GLY A 68 -7.17 7.05 -2.79
N VAL A 69 -5.95 7.60 -2.84
CA VAL A 69 -4.92 7.26 -1.87
C VAL A 69 -4.50 8.51 -1.11
N ALA A 70 -3.80 8.32 0.00
CA ALA A 70 -3.33 9.46 0.79
C ALA A 70 -2.11 9.13 1.66
N VAL A 71 -1.43 10.17 2.12
CA VAL A 71 -0.27 10.04 2.98
C VAL A 71 -0.29 11.10 4.08
N TYR A 72 -0.33 10.65 5.33
CA TYR A 72 -0.25 11.52 6.49
C TYR A 72 1.16 11.45 7.05
N SER A 73 1.61 12.53 7.67
CA SER A 73 2.97 12.57 8.21
C SER A 73 3.16 13.68 9.24
N LYS A 74 3.74 13.33 10.38
CA LYS A 74 4.01 14.32 11.43
C LYS A 74 4.90 15.45 10.91
N ARG A 75 5.81 15.11 10.02
CA ARG A 75 6.69 16.12 9.43
C ARG A 75 6.07 16.73 8.17
N LYS A 76 6.44 17.97 7.89
CA LYS A 76 5.96 18.66 6.70
C LYS A 76 6.77 18.27 5.48
N PRO A 77 6.19 17.45 4.60
CA PRO A 77 6.89 16.97 3.40
C PRO A 77 7.45 18.12 2.58
N ASP A 78 8.69 17.99 2.12
CA ASP A 78 9.35 19.03 1.34
C ASP A 78 8.70 19.14 -0.04
N ASN A 79 8.47 18.01 -0.68
CA ASN A 79 7.83 17.97 -1.99
C ASN A 79 6.68 16.97 -2.04
N VAL A 80 5.73 17.21 -2.93
CA VAL A 80 4.59 16.30 -3.10
C VAL A 80 4.22 16.17 -4.56
N GLN A 81 4.01 14.93 -5.00
CA GLN A 81 3.56 14.64 -6.36
C GLN A 81 2.24 13.90 -6.33
N ILE A 82 1.19 14.55 -6.84
CA ILE A 82 -0.12 13.92 -6.95
C ILE A 82 -0.24 13.22 -8.30
N GLY A 83 -0.62 11.96 -8.28
CA GLY A 83 -0.78 11.18 -9.50
C GLY A 83 0.56 10.79 -10.12
N MET A 84 0.56 9.67 -10.83
CA MET A 84 1.77 9.17 -11.47
C MET A 84 2.24 10.11 -12.56
N GLY A 85 1.29 10.73 -13.25
CA GLY A 85 1.58 11.54 -14.42
C GLY A 85 0.85 10.98 -15.62
N ILE A 86 0.35 9.76 -15.47
CA ILE A 86 -0.45 9.12 -16.51
C ILE A 86 -1.93 9.37 -16.25
N GLU A 87 -2.47 10.40 -16.91
CA GLU A 87 -3.85 10.80 -16.73
C GLU A 87 -4.81 9.62 -16.74
N GLU A 88 -4.54 8.65 -17.62
CA GLU A 88 -5.39 7.47 -17.73
C GLU A 88 -5.67 6.85 -16.36
N PHE A 89 -4.65 6.78 -15.53
CA PHE A 89 -4.78 6.21 -14.20
C PHE A 89 -4.94 7.28 -13.14
N ASP A 90 -4.53 8.50 -13.48
CA ASP A 90 -4.64 9.63 -12.56
C ASP A 90 -6.11 10.04 -12.38
N ARG A 91 -6.94 9.69 -13.35
CA ARG A 91 -8.37 9.97 -13.25
C ARG A 91 -9.03 9.08 -12.20
N GLU A 92 -8.25 8.16 -11.64
CA GLU A 92 -8.73 7.26 -10.59
C GLU A 92 -8.04 7.54 -9.25
N GLY A 93 -6.90 8.21 -9.32
CA GLY A 93 -6.16 8.59 -8.12
C GLY A 93 -5.65 7.40 -7.34
N ARG A 94 -4.45 6.93 -7.69
CA ARG A 94 -3.89 5.73 -7.08
C ARG A 94 -2.43 5.92 -6.68
N PHE A 95 -1.89 7.12 -6.88
CA PHE A 95 -0.48 7.37 -6.60
C PHE A 95 -0.27 8.70 -5.88
N VAL A 96 0.43 8.66 -4.74
CA VAL A 96 0.79 9.89 -4.04
C VAL A 96 2.20 9.79 -3.47
N ARG A 97 3.07 10.71 -3.86
CA ARG A 97 4.44 10.69 -3.36
C ARG A 97 4.76 11.90 -2.47
N CYS A 98 5.43 11.64 -1.35
CA CYS A 98 5.82 12.71 -0.44
C CYS A 98 7.27 12.56 -0.01
N ASP A 99 8.07 13.56 -0.36
CA ASP A 99 9.49 13.55 -0.02
C ASP A 99 9.72 14.20 1.33
N PHE A 100 10.44 13.52 2.21
CA PHE A 100 10.74 14.05 3.54
C PHE A 100 12.25 14.17 3.74
N GLY A 101 12.91 14.77 2.76
CA GLY A 101 14.36 14.89 2.79
C GLY A 101 15.01 13.79 1.98
N ARG A 102 15.79 12.95 2.65
CA ARG A 102 16.44 11.81 2.01
C ARG A 102 15.36 10.79 1.64
N LEU A 103 14.30 10.76 2.44
CA LEU A 103 13.25 9.76 2.30
C LEU A 103 12.13 10.19 1.37
N SER A 104 11.49 9.20 0.73
CA SER A 104 10.31 9.43 -0.09
C SER A 104 9.33 8.29 0.10
N VAL A 105 8.18 8.60 0.70
CA VAL A 105 7.15 7.59 0.90
C VAL A 105 6.07 7.69 -0.16
N ILE A 106 5.59 6.54 -0.63
CA ILE A 106 4.60 6.50 -1.69
C ILE A 106 3.40 5.63 -1.32
N SER A 107 2.20 6.20 -1.46
CA SER A 107 0.97 5.45 -1.28
C SER A 107 0.45 5.05 -2.66
N LEU A 108 0.33 3.74 -2.87
CA LEU A 108 -0.08 3.21 -4.17
C LEU A 108 -1.29 2.29 -4.07
N TYR A 109 -2.24 2.46 -4.99
CA TYR A 109 -3.40 1.59 -5.07
C TYR A 109 -3.44 0.91 -6.44
N LEU A 110 -2.69 -0.19 -6.56
CA LEU A 110 -2.63 -0.93 -7.81
C LEU A 110 -4.02 -1.50 -8.13
N PRO A 111 -4.54 -1.16 -9.32
CA PRO A 111 -5.88 -1.56 -9.76
C PRO A 111 -6.14 -3.05 -9.57
N SER A 112 -7.35 -3.39 -9.13
CA SER A 112 -7.74 -4.78 -8.95
C SER A 112 -8.50 -5.29 -10.16
N GLY A 113 -7.97 -6.34 -10.79
CA GLY A 113 -8.58 -6.89 -11.98
C GLY A 113 -9.40 -8.14 -11.69
N SER A 114 -10.10 -8.14 -10.56
CA SER A 114 -10.93 -9.27 -10.17
C SER A 114 -12.42 -8.95 -10.27
N SER A 115 -12.74 -7.88 -10.99
CA SER A 115 -14.12 -7.46 -11.16
C SER A 115 -14.60 -7.70 -12.59
N ALA A 116 -13.66 -7.64 -13.54
CA ALA A 116 -13.97 -7.85 -14.95
C ALA A 116 -12.69 -8.02 -15.76
N GLU A 117 -12.81 -8.66 -16.92
CA GLU A 117 -11.65 -8.90 -17.78
C GLU A 117 -11.04 -7.58 -18.25
N GLU A 118 -11.90 -6.61 -18.56
CA GLU A 118 -11.43 -5.30 -18.98
C GLU A 118 -10.61 -4.64 -17.87
N ARG A 119 -11.05 -4.81 -16.63
CA ARG A 119 -10.31 -4.29 -15.49
C ARG A 119 -8.96 -4.98 -15.35
N GLN A 120 -8.91 -6.24 -15.80
CA GLN A 120 -7.67 -7.00 -15.78
C GLN A 120 -6.70 -6.44 -16.81
N GLN A 121 -7.24 -5.95 -17.93
CA GLN A 121 -6.42 -5.36 -18.97
C GLN A 121 -5.86 -4.02 -18.52
N VAL A 122 -6.71 -3.21 -17.89
CA VAL A 122 -6.30 -1.92 -17.36
C VAL A 122 -5.20 -2.09 -16.31
N LYS A 123 -5.35 -3.12 -15.48
CA LYS A 123 -4.35 -3.47 -14.48
C LYS A 123 -3.03 -3.84 -15.14
N TYR A 124 -3.12 -4.63 -16.21
CA TYR A 124 -1.93 -5.05 -16.94
C TYR A 124 -1.14 -3.87 -17.50
N ARG A 125 -1.85 -2.93 -18.12
CA ARG A 125 -1.21 -1.72 -18.65
C ARG A 125 -0.59 -0.91 -17.52
N PHE A 126 -1.28 -0.86 -16.38
CA PHE A 126 -0.76 -0.18 -15.21
C PHE A 126 0.61 -0.72 -14.86
N LEU A 127 0.73 -2.05 -14.84
CA LEU A 127 1.99 -2.71 -14.56
C LEU A 127 3.05 -2.34 -15.59
N ASP A 128 2.67 -2.38 -16.86
CA ASP A 128 3.62 -2.13 -17.95
C ASP A 128 4.24 -0.74 -17.92
N ALA A 129 3.41 0.27 -17.62
CA ALA A 129 3.88 1.65 -17.61
C ALA A 129 4.41 2.07 -16.24
N PHE A 130 4.24 1.22 -15.25
CA PHE A 130 4.68 1.52 -13.89
C PHE A 130 6.03 0.89 -13.57
N TYR A 131 6.36 -0.19 -14.28
CA TYR A 131 7.66 -0.83 -14.13
C TYR A 131 8.81 0.16 -14.34
N PRO A 132 8.74 0.94 -15.43
CA PRO A 132 9.79 1.94 -15.69
C PRO A 132 9.87 2.98 -14.58
N MET A 133 8.74 3.25 -13.92
CA MET A 133 8.73 4.19 -12.80
C MET A 133 9.48 3.62 -11.61
N LEU A 134 9.22 2.36 -11.30
CA LEU A 134 9.92 1.68 -10.22
C LEU A 134 11.42 1.66 -10.49
N GLU A 135 11.78 1.54 -11.75
CA GLU A 135 13.19 1.53 -12.14
C GLU A 135 13.84 2.90 -11.91
N ALA A 136 13.19 3.95 -12.39
CA ALA A 136 13.71 5.31 -12.24
C ALA A 136 13.90 5.68 -10.77
N MET A 137 12.90 5.35 -9.95
CA MET A 137 12.98 5.61 -8.52
C MET A 137 14.09 4.78 -7.90
N LYS A 138 14.34 3.61 -8.47
CA LYS A 138 15.44 2.75 -8.03
C LYS A 138 16.76 3.42 -8.33
N ASN A 139 16.76 4.31 -9.32
CA ASN A 139 17.98 5.01 -9.72
C ASN A 139 17.95 6.50 -9.41
N GLU A 140 17.45 6.86 -8.23
CA GLU A 140 17.44 8.25 -7.80
C GLU A 140 18.50 8.51 -6.73
N GLY A 141 18.80 7.48 -5.95
CA GLY A 141 19.82 7.59 -4.91
C GLY A 141 19.24 7.90 -3.55
N ARG A 142 17.92 8.00 -3.48
CA ARG A 142 17.25 8.31 -2.22
C ARG A 142 16.43 7.11 -1.73
N ASP A 143 16.32 6.98 -0.40
CA ASP A 143 15.59 5.87 0.20
C ASP A 143 14.08 6.04 0.02
N ILE A 144 13.48 5.12 -0.73
CA ILE A 144 12.06 5.26 -1.09
C ILE A 144 11.24 4.04 -0.68
N VAL A 145 10.29 4.27 0.24
CA VAL A 145 9.37 3.23 0.67
C VAL A 145 8.13 3.26 -0.20
N VAL A 146 7.67 2.09 -0.62
CA VAL A 146 6.45 2.00 -1.42
C VAL A 146 5.39 1.16 -0.71
N CYS A 147 4.55 1.85 0.06
CA CYS A 147 3.43 1.22 0.74
C CYS A 147 2.25 1.22 -0.20
N GLY A 148 1.65 0.06 -0.43
CA GLY A 148 0.52 -0.01 -1.34
C GLY A 148 -0.18 -1.34 -1.40
N ASN A 149 -1.38 -1.31 -1.98
CA ASN A 149 -2.14 -2.52 -2.24
C ASN A 149 -1.86 -3.01 -3.64
N TRP A 150 -0.75 -3.71 -3.80
CA TRP A 150 -0.33 -4.21 -5.10
C TRP A 150 -1.33 -5.23 -5.65
N ASN A 151 -2.16 -5.78 -4.77
CA ASN A 151 -3.16 -6.77 -5.16
C ASN A 151 -2.56 -7.94 -5.93
N ILE A 152 -1.30 -8.25 -5.65
CA ILE A 152 -0.64 -9.37 -6.29
C ILE A 152 0.07 -10.25 -5.26
N ALA A 153 -0.28 -11.54 -5.26
CA ALA A 153 0.44 -12.50 -4.44
C ALA A 153 1.67 -12.98 -5.19
N HIS A 154 2.81 -13.02 -4.49
CA HIS A 154 4.08 -13.36 -5.12
C HIS A 154 4.30 -14.88 -5.17
N GLN A 155 4.25 -15.52 -4.00
CA GLN A 155 4.54 -16.93 -3.90
C GLN A 155 3.43 -17.70 -3.18
N ASN A 156 3.55 -19.01 -3.16
CA ASN A 156 2.54 -19.87 -2.52
C ASN A 156 2.43 -19.62 -1.03
N ILE A 157 3.43 -18.94 -0.47
CA ILE A 157 3.48 -18.69 0.97
C ILE A 157 2.69 -17.44 1.33
N ASP A 158 2.34 -16.65 0.31
CA ASP A 158 1.68 -15.37 0.51
C ASP A 158 0.15 -15.49 0.57
N LEU A 159 -0.35 -16.72 0.58
CA LEU A 159 -1.79 -16.95 0.64
C LEU A 159 -2.13 -18.36 1.11
N LYS A 160 -3.22 -18.47 1.86
CA LYS A 160 -3.63 -19.74 2.44
C LYS A 160 -3.96 -20.77 1.38
N ASN A 161 -4.93 -20.46 0.53
CA ASN A 161 -5.33 -21.37 -0.53
C ASN A 161 -4.70 -20.97 -1.86
N TRP A 162 -3.37 -21.06 -1.92
CA TRP A 162 -2.63 -20.73 -3.12
C TRP A 162 -2.90 -21.77 -4.21
N LYS A 163 -3.49 -22.89 -3.80
CA LYS A 163 -3.66 -24.04 -4.65
C LYS A 163 -4.82 -23.88 -5.63
N GLY A 164 -5.89 -23.24 -5.17
CA GLY A 164 -7.06 -23.03 -6.01
C GLY A 164 -7.30 -21.56 -6.35
N ASN A 165 -6.24 -20.87 -6.79
CA ASN A 165 -6.35 -19.46 -7.14
C ASN A 165 -5.41 -19.06 -8.27
N GLN A 166 -4.88 -20.05 -8.99
CA GLN A 166 -3.98 -19.78 -10.10
C GLN A 166 -4.78 -19.39 -11.34
N LYS A 167 -6.08 -19.64 -11.30
CA LYS A 167 -6.97 -19.25 -12.38
C LYS A 167 -7.71 -17.98 -12.01
N ASN A 168 -7.30 -17.38 -10.89
CA ASN A 168 -7.94 -16.17 -10.39
C ASN A 168 -6.97 -14.98 -10.43
N SER A 169 -7.50 -13.80 -10.73
CA SER A 169 -6.70 -12.59 -10.75
C SER A 169 -6.09 -12.32 -9.39
N GLY A 170 -4.82 -11.93 -9.39
CA GLY A 170 -4.11 -11.67 -8.14
C GLY A 170 -3.02 -12.69 -7.88
N PHE A 171 -3.10 -13.83 -8.55
CA PHE A 171 -2.10 -14.88 -8.41
C PHE A 171 -1.81 -15.51 -9.76
N LEU A 172 -2.07 -14.76 -10.83
CA LEU A 172 -1.82 -15.23 -12.18
C LEU A 172 -0.33 -15.19 -12.49
N PRO A 173 0.18 -16.22 -13.18
CA PRO A 173 1.60 -16.36 -13.51
C PRO A 173 2.21 -15.08 -14.07
N GLU A 174 1.44 -14.32 -14.84
CA GLU A 174 1.92 -13.06 -15.41
C GLU A 174 2.23 -12.06 -14.30
N GLU A 175 1.25 -11.81 -13.44
CA GLU A 175 1.38 -10.86 -12.34
C GLU A 175 2.55 -11.23 -11.41
N ARG A 176 2.53 -12.48 -10.96
CA ARG A 176 3.60 -12.98 -10.09
C ARG A 176 4.96 -12.77 -10.76
N GLU A 177 5.02 -12.98 -12.06
CA GLU A 177 6.25 -12.79 -12.83
C GLU A 177 6.70 -11.34 -12.76
N TRP A 178 5.75 -10.42 -12.84
CA TRP A 178 6.04 -8.99 -12.75
C TRP A 178 6.66 -8.65 -11.40
N ILE A 179 6.01 -9.11 -10.34
CA ILE A 179 6.52 -8.90 -8.99
C ILE A 179 7.96 -9.39 -8.87
N GLY A 180 8.23 -10.57 -9.40
CA GLY A 180 9.58 -11.13 -9.39
C GLY A 180 10.55 -10.22 -10.09
N LYS A 181 10.11 -9.65 -11.22
CA LYS A 181 10.94 -8.73 -11.98
C LYS A 181 11.17 -7.43 -11.22
N VAL A 182 10.40 -7.23 -10.16
CA VAL A 182 10.54 -6.03 -9.34
C VAL A 182 11.49 -6.23 -8.17
N ILE A 183 11.38 -7.39 -7.53
CA ILE A 183 12.21 -7.70 -6.35
C ILE A 183 13.63 -8.07 -6.74
N HIS A 184 13.77 -9.06 -7.62
CA HIS A 184 15.09 -9.56 -8.00
C HIS A 184 15.72 -8.71 -9.11
N LYS A 185 14.95 -8.42 -10.15
CA LYS A 185 15.46 -7.65 -11.28
C LYS A 185 15.66 -6.18 -10.94
N LEU A 186 14.56 -5.49 -10.62
CA LEU A 186 14.63 -4.07 -10.30
C LEU A 186 15.42 -3.79 -9.04
N GLY A 187 15.43 -4.76 -8.11
CA GLY A 187 16.24 -4.66 -6.92
C GLY A 187 15.54 -4.08 -5.71
N TRP A 188 14.22 -4.22 -5.67
CA TRP A 188 13.45 -3.77 -4.51
C TRP A 188 13.43 -4.85 -3.45
N THR A 189 13.08 -4.47 -2.22
CA THR A 189 13.07 -5.39 -1.09
C THR A 189 11.67 -5.54 -0.50
N ASP A 190 11.11 -6.74 -0.60
CA ASP A 190 9.82 -7.02 0.01
C ASP A 190 10.00 -7.05 1.53
N MET A 191 9.87 -5.87 2.14
CA MET A 191 10.21 -5.69 3.55
C MET A 191 9.76 -6.85 4.44
N TRP A 192 8.50 -7.24 4.31
CA TRP A 192 7.96 -8.31 5.15
C TRP A 192 8.61 -9.65 4.87
N ARG A 193 8.81 -9.96 3.60
CA ARG A 193 9.40 -11.24 3.22
C ARG A 193 10.87 -11.30 3.64
N THR A 194 11.51 -10.14 3.72
CA THR A 194 12.91 -10.05 4.11
C THR A 194 13.08 -10.14 5.61
N LEU A 195 12.07 -9.70 6.35
CA LEU A 195 12.09 -9.76 7.81
C LEU A 195 11.55 -11.09 8.33
N TYR A 196 10.63 -11.68 7.58
CA TYR A 196 9.97 -12.91 8.00
C TYR A 196 9.76 -13.86 6.83
N PRO A 197 10.79 -14.66 6.52
CA PRO A 197 10.82 -15.58 5.37
C PRO A 197 9.83 -16.72 5.47
N ASP A 198 9.38 -17.05 6.69
CA ASP A 198 8.51 -18.20 6.89
C ASP A 198 7.12 -17.81 7.42
N VAL A 199 6.90 -16.51 7.61
CA VAL A 199 5.61 -16.03 8.07
C VAL A 199 4.73 -15.61 6.89
N PRO A 200 3.55 -16.23 6.77
CA PRO A 200 2.62 -15.92 5.67
C PRO A 200 2.34 -14.43 5.59
N GLY A 201 2.02 -13.82 6.72
CA GLY A 201 1.80 -12.38 6.80
C GLY A 201 0.60 -11.91 6.00
N TYR A 202 -0.49 -12.67 6.06
CA TYR A 202 -1.72 -12.28 5.36
C TYR A 202 -2.15 -10.88 5.81
N THR A 203 -2.69 -10.12 4.88
CA THR A 203 -3.14 -8.76 5.16
C THR A 203 -4.55 -8.50 4.65
N TRP A 204 -5.13 -9.48 3.98
CA TRP A 204 -6.47 -9.34 3.43
C TRP A 204 -7.23 -10.66 3.38
N TRP A 205 -8.46 -10.64 3.88
CA TRP A 205 -9.33 -11.81 3.85
C TRP A 205 -10.66 -11.45 3.21
N SER A 206 -11.08 -12.26 2.23
CA SER A 206 -12.36 -12.01 1.55
C SER A 206 -13.53 -12.20 2.49
N ASN A 207 -14.60 -11.45 2.26
CA ASN A 207 -15.81 -11.54 3.07
C ASN A 207 -16.50 -12.89 2.90
N ARG A 208 -16.25 -13.53 1.77
CA ARG A 208 -16.83 -14.83 1.48
C ARG A 208 -16.55 -15.81 2.61
N GLY A 209 -17.46 -16.76 2.82
CA GLY A 209 -17.31 -17.74 3.88
C GLY A 209 -16.86 -17.13 5.18
N GLN A 210 -16.17 -17.92 5.99
CA GLN A 210 -15.61 -17.43 7.26
C GLN A 210 -14.09 -17.37 7.18
N ALA A 211 -13.59 -16.84 6.07
CA ALA A 211 -12.15 -16.82 5.78
C ALA A 211 -11.35 -16.07 6.85
N TYR A 212 -11.74 -14.83 7.13
CA TYR A 212 -11.03 -14.02 8.11
C TYR A 212 -10.90 -14.74 9.45
N ALA A 213 -11.92 -15.52 9.80
CA ALA A 213 -11.93 -16.26 11.05
C ALA A 213 -10.98 -17.44 11.01
N LYS A 214 -10.89 -18.08 9.85
CA LYS A 214 -9.99 -19.22 9.67
C LYS A 214 -8.62 -18.77 9.15
N ASP A 215 -8.37 -17.47 9.22
CA ASP A 215 -7.12 -16.89 8.74
C ASP A 215 -6.80 -17.33 7.33
N VAL A 216 -7.83 -17.43 6.49
CA VAL A 216 -7.65 -17.76 5.08
C VAL A 216 -7.61 -16.48 4.26
N GLY A 217 -6.43 -15.85 4.23
CA GLY A 217 -6.27 -14.60 3.52
C GLY A 217 -5.04 -14.56 2.63
N TRP A 218 -4.87 -13.45 1.94
CA TRP A 218 -3.73 -13.26 1.05
C TRP A 218 -2.79 -12.21 1.62
N ARG A 219 -1.65 -12.03 0.96
CA ARG A 219 -0.75 -10.93 1.28
C ARG A 219 -0.60 -10.06 0.05
N ILE A 220 -1.44 -9.05 -0.06
CA ILE A 220 -1.48 -8.19 -1.24
C ILE A 220 -1.01 -6.77 -0.94
N ASP A 221 -0.75 -6.50 0.34
CA ASP A 221 -0.22 -5.20 0.76
C ASP A 221 1.28 -5.28 1.01
N TYR A 222 2.04 -4.51 0.24
CA TYR A 222 3.50 -4.56 0.34
C TYR A 222 4.11 -3.20 0.69
N GLN A 223 5.33 -3.26 1.21
CA GLN A 223 6.18 -2.07 1.35
C GLN A 223 7.52 -2.34 0.69
N MET A 224 7.60 -2.08 -0.62
CA MET A 224 8.83 -2.31 -1.37
C MET A 224 9.87 -1.26 -0.97
N VAL A 225 11.01 -1.71 -0.44
CA VAL A 225 12.00 -0.78 0.09
C VAL A 225 13.34 -0.86 -0.66
N THR A 226 14.02 0.29 -0.74
CA THR A 226 15.35 0.35 -1.32
C THR A 226 16.37 -0.26 -0.36
N PRO A 227 17.36 -0.98 -0.91
CA PRO A 227 18.38 -1.72 -0.15
C PRO A 227 18.94 -0.94 1.05
N GLU A 228 19.39 0.29 0.81
CA GLU A 228 19.93 1.11 1.90
C GLU A 228 19.01 1.13 3.10
N LEU A 229 17.76 1.50 2.87
CA LEU A 229 16.77 1.59 3.93
C LEU A 229 16.29 0.22 4.37
N ALA A 230 16.16 -0.69 3.39
CA ALA A 230 15.77 -2.07 3.68
C ALA A 230 16.56 -2.63 4.85
N ALA A 231 17.87 -2.48 4.79
CA ALA A 231 18.77 -3.01 5.81
C ALA A 231 18.52 -2.38 7.19
N LYS A 232 17.99 -1.16 7.19
CA LYS A 232 17.75 -0.44 8.44
C LYS A 232 16.44 -0.83 9.12
N ALA A 233 15.67 -1.69 8.47
CA ALA A 233 14.40 -2.14 9.03
C ALA A 233 14.62 -2.99 10.29
N VAL A 234 13.89 -2.67 11.35
CA VAL A 234 14.05 -3.39 12.62
C VAL A 234 12.92 -4.38 12.89
N SER A 235 11.70 -4.06 12.47
CA SER A 235 10.58 -4.99 12.68
C SER A 235 9.39 -4.71 11.77
N ALA A 236 8.30 -5.44 12.01
CA ALA A 236 7.07 -5.30 11.24
C ALA A 236 6.01 -6.24 11.78
N HIS A 237 4.74 -5.89 11.56
CA HIS A 237 3.63 -6.72 12.04
C HIS A 237 2.32 -6.29 11.40
N VAL A 238 1.37 -7.22 11.33
CA VAL A 238 0.05 -6.93 10.78
C VAL A 238 -0.96 -6.73 11.89
N TYR A 239 -1.20 -5.47 12.25
CA TYR A 239 -2.12 -5.13 13.33
C TYR A 239 -3.52 -5.71 13.10
N LYS A 240 -3.99 -6.50 14.06
CA LYS A 240 -5.29 -7.14 13.92
C LYS A 240 -6.12 -7.09 15.21
N ASP A 241 -5.67 -6.31 16.18
CA ASP A 241 -6.41 -6.14 17.42
C ASP A 241 -7.82 -5.62 17.13
N GLU A 242 -7.93 -4.81 16.09
CA GLU A 242 -9.21 -4.25 15.67
C GLU A 242 -9.35 -4.31 14.15
N LYS A 243 -10.55 -4.64 13.67
CA LYS A 243 -10.80 -4.72 12.24
C LYS A 243 -11.42 -3.43 11.72
N PHE A 244 -10.61 -2.62 11.06
CA PHE A 244 -11.07 -1.36 10.49
C PHE A 244 -11.55 -1.57 9.06
N SER A 245 -11.23 -2.72 8.49
CA SER A 245 -11.47 -2.96 7.08
C SER A 245 -11.22 -4.42 6.73
N ASP A 246 -11.52 -4.78 5.47
CA ASP A 246 -11.24 -6.11 4.97
C ASP A 246 -9.73 -6.29 4.81
N HIS A 247 -8.99 -5.18 4.83
CA HIS A 247 -7.54 -5.22 4.82
C HIS A 247 -7.00 -4.92 6.21
N ALA A 248 -5.77 -5.35 6.46
CA ALA A 248 -5.13 -5.09 7.74
C ALA A 248 -3.90 -4.20 7.56
N PRO A 249 -3.73 -3.23 8.47
CA PRO A 249 -2.64 -2.25 8.41
C PRO A 249 -1.26 -2.88 8.61
N LEU A 250 -0.41 -2.76 7.59
CA LEU A 250 0.97 -3.22 7.68
C LEU A 250 1.82 -2.18 8.38
N VAL A 251 2.35 -2.54 9.54
CA VAL A 251 3.15 -1.61 10.33
C VAL A 251 4.61 -2.02 10.36
N VAL A 252 5.43 -1.33 9.59
CA VAL A 252 6.86 -1.61 9.57
C VAL A 252 7.61 -0.56 10.39
N GLU A 253 8.67 -0.99 11.07
CA GLU A 253 9.48 -0.11 11.91
C GLU A 253 10.93 -0.13 11.45
N TYR A 254 11.42 1.03 11.03
CA TYR A 254 12.80 1.17 10.58
C TYR A 254 13.63 1.96 11.59
N ASP A 255 14.94 1.73 11.59
CA ASP A 255 15.85 2.53 12.40
C ASP A 255 16.48 3.59 11.49
N TYR A 256 15.66 4.57 11.10
CA TYR A 256 16.07 5.56 10.11
C TYR A 256 15.94 6.97 10.66
N ALA A 257 16.57 7.92 9.97
CA ALA A 257 16.49 9.32 10.34
C ALA A 257 16.68 10.22 9.12
N ALA A 258 15.57 10.67 8.55
CA ALA A 258 15.60 11.49 7.34
C ALA A 258 16.35 12.81 7.57
N GLU A 259 16.48 13.20 8.82
CA GLU A 259 17.18 14.43 9.18
C GLU A 259 18.66 14.19 9.42
O5' 3DR B 6 -8.95 -6.66 -4.56
P 3DR B 6 -9.85 -5.47 -3.99
OP1 3DR B 6 -9.80 -5.49 -2.51
OP2 3DR B 6 -9.46 -4.23 -4.71
C2' 3DR B 6 -7.32 -10.64 -4.42
C5' 3DR B 6 -9.17 -7.98 -4.08
C4' 3DR B 6 -8.88 -9.00 -5.17
O4' 3DR B 6 -7.59 -8.72 -5.76
C1' 3DR B 6 -6.71 -9.81 -5.55
C3' 3DR B 6 -8.81 -10.44 -4.67
O3' 3DR B 6 -9.30 -11.33 -5.67
MN MN D . -11.59 -2.88 -1.19
#